data_7DQH
#
_entry.id   7DQH
#
_cell.length_a   61.517
_cell.length_b   67.646
_cell.length_c   102.280
_cell.angle_alpha   90.00
_cell.angle_beta   90.00
_cell.angle_gamma   90.00
#
_symmetry.space_group_name_H-M   'P 21 21 21'
#
loop_
_entity.id
_entity.type
_entity.pdbx_description
1 polymer 'DNA gyrase subunit B'
2 non-polymer 1H-benzimidazol-2-amine
3 non-polymer salicylamide
4 non-polymer 'PHOSPHATE ION'
5 water water
#
_entity_poly.entity_id   1
_entity_poly.type   'polypeptide(L)'
_entity_poly.pdbx_seq_one_letter_code
;LDAVRKRPGMYIGDTDDGTGLHHMVFEVVDNAIDEALAGHCKEIIVTIHADNSVSVQDDGRGIPTGIHPEEGVSAAEVIM
TVLHAGGKFDDNSYKVSGGLHGVGVSVVNALSQKLELVIQREGKIHRQIYEHGVPQAPLAVTGETEKTGTMVRFWPSLET
FTNVTEFEYEILAKRLRELSFLNSGVSIRLRDKRDGKEDHFHYEGG
;
_entity_poly.pdbx_strand_id   A,B
#
loop_
_chem_comp.id
_chem_comp.type
_chem_comp.name
_chem_comp.formula
AX7 non-polymer 1H-benzimidazol-2-amine 'C7 H7 N3'
OHB non-polymer salicylamide 'C7 H7 N O2'
PO4 non-polymer 'PHOSPHATE ION' 'O4 P -3'
#
# COMPACT_ATOMS: atom_id res chain seq x y z
N LEU A 1 -8.09 4.46 -0.45
CA LEU A 1 -7.48 3.85 0.75
C LEU A 1 -6.10 4.45 1.17
N ASP A 2 -5.38 5.06 0.24
CA ASP A 2 -4.10 5.79 0.56
C ASP A 2 -4.27 6.89 1.63
N ALA A 3 -5.46 7.50 1.79
CA ALA A 3 -5.58 8.53 2.83
C ALA A 3 -5.52 7.93 4.24
N VAL A 4 -5.97 6.67 4.40
CA VAL A 4 -5.86 5.93 5.64
C VAL A 4 -4.46 5.44 5.90
N ARG A 5 -3.80 4.93 4.87
CA ARG A 5 -2.44 4.44 5.09
C ARG A 5 -1.48 5.58 5.44
N LYS A 6 -1.74 6.77 4.90
CA LYS A 6 -0.93 8.01 5.12
C LYS A 6 -1.03 8.46 6.57
N ARG A 7 -2.20 8.27 7.21
CA ARG A 7 -2.29 8.69 8.65
C ARG A 7 -3.12 7.74 9.44
N PRO A 8 -2.61 6.55 9.65
CA PRO A 8 -3.55 5.53 10.14
C PRO A 8 -4.17 5.92 11.52
N GLY A 9 -3.39 6.60 12.37
CA GLY A 9 -3.77 7.12 13.65
C GLY A 9 -5.04 7.91 13.66
N MET A 10 -5.21 8.71 12.69
CA MET A 10 -6.42 9.51 12.56
C MET A 10 -7.64 8.66 12.31
N TYR A 11 -7.50 7.45 11.75
CA TYR A 11 -8.66 6.70 11.42
C TYR A 11 -8.93 5.68 12.47
N ILE A 12 -7.90 5.05 13.05
CA ILE A 12 -8.22 3.88 13.85
C ILE A 12 -7.91 4.16 15.31
N GLY A 13 -7.18 5.25 15.57
CA GLY A 13 -6.55 5.52 16.91
C GLY A 13 -5.08 5.21 17.03
N ASP A 14 -4.61 5.32 18.26
CA ASP A 14 -3.17 5.25 18.53
C ASP A 14 -2.54 3.94 18.17
N THR A 15 -1.49 3.96 17.31
CA THR A 15 -0.99 2.78 16.73
C THR A 15 0.21 2.28 17.46
N ASP A 16 0.57 2.93 18.60
CA ASP A 16 1.73 2.45 19.37
C ASP A 16 1.38 1.92 20.76
N ASP A 17 0.22 2.25 21.32
CA ASP A 17 -0.16 1.88 22.71
C ASP A 17 -1.26 0.78 22.82
N GLY A 18 -1.64 0.14 21.68
CA GLY A 18 -2.61 -0.96 21.76
C GLY A 18 -4.08 -0.48 21.50
N THR A 19 -4.33 0.82 21.56
CA THR A 19 -5.62 1.47 21.26
C THR A 19 -6.16 1.16 19.85
N GLY A 20 -5.44 1.65 18.81
CA GLY A 20 -5.73 1.37 17.40
C GLY A 20 -5.87 -0.11 17.21
N LEU A 21 -4.92 -0.91 17.74
CA LEU A 21 -4.89 -2.33 17.48
C LEU A 21 -6.24 -3.02 17.86
N HIS A 22 -6.71 -2.72 19.06
CA HIS A 22 -8.00 -3.28 19.50
C HIS A 22 -9.23 -2.71 18.74
N HIS A 23 -9.13 -1.43 18.43
CA HIS A 23 -10.09 -0.78 17.62
C HIS A 23 -10.33 -1.43 16.25
N MET A 24 -9.31 -2.04 15.68
CA MET A 24 -9.44 -2.82 14.42
C MET A 24 -10.52 -3.91 14.66
N VAL A 25 -10.44 -4.59 15.79
CA VAL A 25 -11.41 -5.62 16.13
C VAL A 25 -12.81 -5.02 16.31
N PHE A 26 -12.88 -3.91 17.03
CA PHE A 26 -14.17 -3.31 17.27
C PHE A 26 -14.91 -2.87 16.02
N GLU A 27 -14.20 -2.37 15.03
CA GLU A 27 -14.83 -1.95 13.80
C GLU A 27 -15.43 -3.14 13.06
N VAL A 28 -14.69 -4.22 12.99
CA VAL A 28 -15.13 -5.44 12.36
C VAL A 28 -16.39 -5.93 13.07
N VAL A 29 -16.33 -5.98 14.37
CA VAL A 29 -17.44 -6.42 15.19
C VAL A 29 -18.73 -5.64 14.95
N ASP A 30 -18.65 -4.33 14.74
CA ASP A 30 -19.81 -3.48 14.49
C ASP A 30 -20.51 -3.93 13.23
N ASN A 31 -19.73 -4.21 12.21
CA ASN A 31 -20.25 -4.72 10.96
C ASN A 31 -20.92 -6.09 11.15
N ALA A 32 -20.31 -6.94 11.92
CA ALA A 32 -20.82 -8.25 12.18
C ALA A 32 -22.11 -8.19 12.96
N ILE A 33 -22.18 -7.28 13.90
CA ILE A 33 -23.36 -7.15 14.71
C ILE A 33 -24.52 -6.68 13.85
N ASP A 34 -24.29 -5.73 12.97
CA ASP A 34 -25.30 -5.23 12.03
C ASP A 34 -25.88 -6.43 11.24
N GLU A 35 -25.00 -7.29 10.77
CA GLU A 35 -25.35 -8.47 10.03
C GLU A 35 -26.13 -9.44 10.89
N ALA A 36 -25.66 -9.76 12.08
CA ALA A 36 -26.35 -10.74 12.94
C ALA A 36 -27.75 -10.30 13.30
N LEU A 37 -27.94 -9.00 13.42
CA LEU A 37 -29.27 -8.36 13.74
C LEU A 37 -30.29 -8.59 12.67
N ALA A 38 -29.84 -8.59 11.43
CA ALA A 38 -30.77 -8.82 10.36
C ALA A 38 -31.01 -10.28 9.98
N GLY A 39 -30.53 -11.30 10.74
CA GLY A 39 -30.86 -12.73 10.43
C GLY A 39 -31.48 -13.41 11.63
N HIS A 40 -31.62 -14.72 11.59
CA HIS A 40 -32.20 -15.44 12.73
C HIS A 40 -30.93 -15.80 13.43
N CYS A 41 -31.08 -16.61 14.43
CA CYS A 41 -29.98 -17.08 15.27
C CYS A 41 -29.23 -15.95 15.97
N LYS A 42 -28.78 -14.90 15.23
CA LYS A 42 -28.15 -13.69 15.80
C LYS A 42 -26.96 -13.99 16.71
N GLU A 43 -25.89 -14.56 16.16
CA GLU A 43 -24.73 -14.88 16.95
C GLU A 43 -23.51 -14.40 16.15
N ILE A 44 -22.51 -13.93 16.88
CA ILE A 44 -21.19 -13.65 16.27
C ILE A 44 -20.16 -14.36 17.09
N ILE A 45 -19.11 -14.79 16.42
CA ILE A 45 -18.02 -15.35 17.13
C ILE A 45 -16.76 -14.59 16.86
N VAL A 46 -16.11 -14.13 17.92
CA VAL A 46 -14.80 -13.48 17.79
C VAL A 46 -13.71 -14.38 18.27
N THR A 47 -12.75 -14.71 17.42
CA THR A 47 -11.61 -15.60 17.71
C THR A 47 -10.25 -14.97 17.62
N ILE A 48 -9.46 -15.08 18.72
CA ILE A 48 -8.07 -14.73 18.70
C ILE A 48 -7.32 -16.03 18.32
N HIS A 49 -6.75 -16.02 17.14
CA HIS A 49 -5.88 -17.08 16.64
C HIS A 49 -4.46 -16.93 17.21
N ALA A 50 -3.81 -18.09 17.27
CA ALA A 50 -2.50 -18.19 17.79
C ALA A 50 -1.48 -17.39 17.02
N ASP A 51 -1.74 -17.01 15.78
CA ASP A 51 -0.77 -16.24 14.99
C ASP A 51 -1.07 -14.68 15.07
N ASN A 52 -1.81 -14.26 16.09
CA ASN A 52 -2.20 -12.88 16.31
C ASN A 52 -3.01 -12.28 15.20
N SER A 53 -3.84 -13.11 14.63
CA SER A 53 -4.94 -12.62 13.80
C SER A 53 -6.21 -12.73 14.58
N VAL A 54 -7.26 -11.98 14.15
CA VAL A 54 -8.61 -12.14 14.76
C VAL A 54 -9.62 -12.43 13.65
N SER A 55 -10.54 -13.36 13.91
CA SER A 55 -11.66 -13.58 13.02
C SER A 55 -12.99 -13.26 13.65
N VAL A 56 -13.88 -12.73 12.86
CA VAL A 56 -15.19 -12.33 13.34
C VAL A 56 -16.15 -12.94 12.38
N GLN A 57 -16.95 -13.92 12.85
CA GLN A 57 -17.92 -14.60 12.07
C GLN A 57 -19.33 -14.13 12.47
N ASP A 58 -20.15 -13.84 11.47
CA ASP A 58 -21.62 -13.68 11.71
C ASP A 58 -22.44 -14.75 11.02
N ASP A 59 -23.66 -14.94 11.50
CA ASP A 59 -24.63 -15.86 10.91
C ASP A 59 -25.78 -15.12 10.24
N GLY A 60 -25.44 -13.98 9.71
CA GLY A 60 -26.30 -13.09 8.94
C GLY A 60 -26.61 -13.62 7.53
N ARG A 61 -27.19 -12.83 6.72
CA ARG A 61 -27.59 -13.13 5.34
C ARG A 61 -26.43 -13.25 4.36
N GLY A 62 -25.22 -12.90 4.78
CA GLY A 62 -24.16 -12.74 3.81
C GLY A 62 -24.23 -11.35 3.23
N ILE A 63 -23.09 -10.69 3.18
CA ILE A 63 -23.08 -9.41 2.53
C ILE A 63 -23.15 -9.54 0.97
N PRO A 64 -23.71 -8.55 0.27
CA PRO A 64 -23.99 -8.74 -1.15
C PRO A 64 -22.73 -8.97 -1.98
N THR A 65 -22.86 -9.85 -2.95
CA THR A 65 -21.71 -10.24 -3.79
C THR A 65 -21.84 -9.78 -5.24
N GLY A 66 -23.03 -9.41 -5.68
CA GLY A 66 -23.25 -8.95 -7.04
C GLY A 66 -22.38 -7.76 -7.46
N ILE A 67 -22.05 -7.62 -8.76
CA ILE A 67 -21.23 -6.55 -9.23
C ILE A 67 -21.92 -5.21 -8.98
N HIS A 68 -21.17 -4.31 -8.40
CA HIS A 68 -21.61 -2.91 -8.16
C HIS A 68 -21.68 -2.10 -9.46
N PRO A 69 -22.89 -1.60 -9.82
CA PRO A 69 -22.98 -1.00 -11.15
C PRO A 69 -22.04 0.21 -11.37
N GLU A 70 -21.75 1.02 -10.35
CA GLU A 70 -20.84 2.15 -10.53
C GLU A 70 -19.37 1.72 -10.41
N GLU A 71 -19.05 0.92 -9.43
CA GLU A 71 -17.63 0.62 -9.24
C GLU A 71 -17.19 -0.47 -10.17
N GLY A 72 -18.10 -1.32 -10.61
CA GLY A 72 -17.68 -2.45 -11.50
C GLY A 72 -16.89 -3.61 -10.87
N VAL A 73 -16.98 -3.78 -9.55
CA VAL A 73 -16.39 -4.92 -8.90
C VAL A 73 -17.45 -5.37 -7.97
N SER A 74 -17.32 -6.52 -7.34
CA SER A 74 -18.37 -6.96 -6.43
C SER A 74 -18.64 -5.97 -5.33
N ALA A 75 -19.86 -5.98 -4.84
CA ALA A 75 -20.29 -5.11 -3.78
C ALA A 75 -19.49 -5.35 -2.51
N ALA A 76 -19.13 -6.58 -2.26
CA ALA A 76 -18.31 -6.90 -1.12
C ALA A 76 -16.99 -6.20 -1.26
N GLU A 77 -16.40 -6.20 -2.44
CA GLU A 77 -15.12 -5.53 -2.62
C GLU A 77 -15.28 -4.01 -2.38
N VAL A 78 -16.38 -3.45 -2.83
CA VAL A 78 -16.66 -2.04 -2.61
C VAL A 78 -16.64 -1.73 -1.12
N ILE A 79 -17.33 -2.53 -0.36
CA ILE A 79 -17.36 -2.42 1.07
C ILE A 79 -15.94 -2.54 1.67
N MET A 80 -15.13 -3.44 1.17
CA MET A 80 -13.82 -3.61 1.73
C MET A 80 -12.78 -2.58 1.28
N THR A 81 -13.09 -1.78 0.27
CA THR A 81 -12.11 -0.86 -0.29
C THR A 81 -12.44 0.63 -0.54
N VAL A 82 -13.67 1.03 -0.32
CA VAL A 82 -14.08 2.43 -0.53
C VAL A 82 -14.46 3.03 0.83
N LEU A 83 -13.97 4.22 1.14
CA LEU A 83 -14.19 4.83 2.51
C LEU A 83 -15.62 5.21 2.99
N GLY A 102 -19.19 4.81 13.45
CA GLY A 102 -18.30 3.83 12.84
C GLY A 102 -17.35 4.36 11.76
N VAL A 103 -16.24 3.68 11.52
CA VAL A 103 -15.17 4.20 10.62
C VAL A 103 -15.12 3.52 9.20
N GLY A 104 -15.81 2.37 9.06
CA GLY A 104 -15.74 1.52 7.90
C GLY A 104 -14.73 0.37 8.01
N VAL A 105 -15.13 -0.82 7.58
CA VAL A 105 -14.20 -1.95 7.58
C VAL A 105 -13.11 -1.78 6.56
N SER A 106 -13.28 -0.89 5.56
CA SER A 106 -12.15 -0.55 4.63
C SER A 106 -10.88 -0.06 5.36
N VAL A 107 -11.08 0.59 6.51
CA VAL A 107 -10.00 1.09 7.31
C VAL A 107 -9.17 -0.06 7.87
N VAL A 108 -9.88 -1.13 8.28
CA VAL A 108 -9.28 -2.29 8.86
C VAL A 108 -8.49 -3.01 7.81
N ASN A 109 -9.08 -3.11 6.65
CA ASN A 109 -8.50 -3.74 5.47
C ASN A 109 -7.26 -3.03 5.05
N ALA A 110 -7.32 -1.72 4.99
CA ALA A 110 -6.16 -0.95 4.62
C ALA A 110 -4.97 -1.13 5.55
N LEU A 111 -5.25 -1.29 6.83
CA LEU A 111 -4.22 -1.45 7.82
C LEU A 111 -3.90 -2.89 8.23
N SER A 112 -4.34 -3.84 7.42
CA SER A 112 -4.04 -5.24 7.67
C SER A 112 -3.08 -5.80 6.63
N GLN A 113 -2.06 -6.51 7.06
CA GLN A 113 -1.13 -7.14 6.11
C GLN A 113 -1.80 -8.22 5.25
N LYS A 114 -2.81 -8.88 5.79
CA LYS A 114 -3.64 -9.82 5.11
C LYS A 114 -5.05 -9.82 5.73
N LEU A 115 -6.04 -9.96 4.87
CA LEU A 115 -7.42 -10.04 5.29
C LEU A 115 -8.12 -11.07 4.43
N GLU A 116 -8.72 -12.03 5.05
CA GLU A 116 -9.46 -13.04 4.33
C GLU A 116 -10.93 -12.79 4.52
N LEU A 117 -11.66 -12.78 3.43
CA LEU A 117 -13.11 -12.63 3.46
C LEU A 117 -13.81 -13.84 2.98
N VAL A 118 -14.82 -14.36 3.75
CA VAL A 118 -15.65 -15.50 3.31
C VAL A 118 -17.14 -15.21 3.53
N ILE A 119 -17.91 -15.19 2.41
CA ILE A 119 -19.36 -14.92 2.43
C ILE A 119 -20.16 -16.13 2.00
N GLN A 120 -21.04 -16.62 2.88
CA GLN A 120 -21.99 -17.70 2.52
C GLN A 120 -23.35 -17.05 2.27
N ARG A 121 -23.75 -17.07 1.02
CA ARG A 121 -24.93 -16.30 0.49
C ARG A 121 -25.52 -17.05 -0.73
N GLU A 122 -26.85 -17.20 -0.75
CA GLU A 122 -27.55 -17.77 -1.92
C GLU A 122 -27.03 -19.19 -2.38
N GLY A 123 -26.79 -20.06 -1.44
CA GLY A 123 -26.24 -21.41 -1.67
C GLY A 123 -24.76 -21.51 -1.99
N LYS A 124 -24.00 -20.44 -1.91
CA LYS A 124 -22.64 -20.43 -2.43
C LYS A 124 -21.66 -19.82 -1.44
N ILE A 125 -20.42 -20.33 -1.41
CA ILE A 125 -19.33 -19.82 -0.64
C ILE A 125 -18.51 -18.94 -1.59
N HIS A 126 -18.14 -17.75 -1.15
CA HIS A 126 -17.39 -16.81 -1.89
C HIS A 126 -16.17 -16.44 -1.06
N ARG A 127 -15.05 -16.23 -1.72
CA ARG A 127 -13.83 -16.00 -0.96
C ARG A 127 -12.99 -15.02 -1.61
N GLN A 128 -12.29 -14.24 -0.78
CA GLN A 128 -11.38 -13.24 -1.29
C GLN A 128 -10.30 -13.00 -0.28
N ILE A 129 -9.12 -12.67 -0.80
CA ILE A 129 -7.96 -12.35 0.02
C ILE A 129 -7.42 -10.94 -0.38
N TYR A 130 -7.19 -10.15 0.62
CA TYR A 130 -6.53 -8.86 0.51
C TYR A 130 -5.20 -8.85 1.21
N GLU A 131 -4.28 -8.07 0.68
CA GLU A 131 -3.03 -7.71 1.43
C GLU A 131 -2.83 -6.22 1.43
N HIS A 132 -2.79 -5.63 2.64
CA HIS A 132 -2.66 -4.17 2.78
C HIS A 132 -3.73 -3.43 2.06
N GLY A 133 -4.90 -4.04 2.09
CA GLY A 133 -6.11 -3.52 1.37
C GLY A 133 -6.22 -3.71 -0.11
N VAL A 134 -5.25 -4.39 -0.72
CA VAL A 134 -5.30 -4.67 -2.16
C VAL A 134 -5.86 -6.07 -2.42
N PRO A 135 -6.98 -6.20 -3.21
CA PRO A 135 -7.52 -7.49 -3.53
C PRO A 135 -6.50 -8.31 -4.33
N GLN A 136 -6.29 -9.56 -3.92
CA GLN A 136 -5.40 -10.40 -4.69
C GLN A 136 -6.04 -10.95 -5.94
N ALA A 137 -7.38 -11.12 -5.93
CA ALA A 137 -8.14 -11.58 -7.03
C ALA A 137 -9.59 -11.11 -6.76
N PRO A 138 -10.47 -11.16 -7.75
CA PRO A 138 -11.86 -10.82 -7.50
C PRO A 138 -12.52 -11.82 -6.63
N LEU A 139 -13.57 -11.38 -5.95
CA LEU A 139 -14.38 -12.27 -5.11
C LEU A 139 -14.82 -13.46 -6.02
N ALA A 140 -14.64 -14.68 -5.51
CA ALA A 140 -14.85 -15.86 -6.32
C ALA A 140 -15.69 -16.86 -5.53
N VAL A 141 -16.53 -17.53 -6.30
CA VAL A 141 -17.36 -18.62 -5.85
C VAL A 141 -16.45 -19.87 -5.72
N THR A 142 -16.41 -20.44 -4.55
CA THR A 142 -15.45 -21.55 -4.27
C THR A 142 -16.20 -22.83 -3.93
N GLY A 143 -17.50 -22.81 -3.71
CA GLY A 143 -18.21 -24.02 -3.21
C GLY A 143 -19.70 -23.79 -2.99
N GLU A 144 -20.38 -24.81 -2.57
CA GLU A 144 -21.79 -24.69 -2.13
C GLU A 144 -21.99 -24.85 -0.63
N THR A 145 -23.06 -24.23 -0.11
CA THR A 145 -23.37 -24.39 1.30
C THR A 145 -24.86 -24.19 1.61
N GLU A 146 -25.26 -24.65 2.77
CA GLU A 146 -26.61 -24.41 3.28
C GLU A 146 -26.65 -23.06 4.00
N LYS A 147 -25.49 -22.64 4.52
CA LYS A 147 -25.35 -21.65 5.62
C LYS A 147 -25.31 -20.26 5.01
N THR A 148 -25.59 -19.27 5.84
CA THR A 148 -25.43 -17.87 5.43
C THR A 148 -24.56 -17.18 6.50
N GLY A 149 -23.76 -16.18 6.07
CA GLY A 149 -23.00 -15.44 7.06
C GLY A 149 -21.81 -14.83 6.35
N THR A 150 -21.18 -13.89 7.05
CA THR A 150 -19.89 -13.28 6.64
C THR A 150 -18.86 -13.60 7.72
N MET A 151 -17.60 -13.81 7.28
CA MET A 151 -16.50 -13.99 8.12
C MET A 151 -15.32 -13.18 7.57
N VAL A 152 -14.69 -12.37 8.41
CA VAL A 152 -13.43 -11.70 8.05
C VAL A 152 -12.42 -12.16 9.08
N ARG A 153 -11.23 -12.53 8.61
CA ARG A 153 -10.10 -12.80 9.49
C ARG A 153 -8.97 -11.82 9.10
N PHE A 154 -8.38 -11.10 10.03
CA PHE A 154 -7.42 -10.07 9.54
C PHE A 154 -6.20 -10.19 10.38
N TRP A 155 -5.08 -9.87 9.75
CA TRP A 155 -3.75 -9.89 10.39
C TRP A 155 -3.26 -8.46 10.38
N PRO A 156 -3.11 -7.83 11.54
CA PRO A 156 -2.87 -6.40 11.56
C PRO A 156 -1.42 -6.21 11.05
N SER A 157 -1.21 -5.17 10.31
CA SER A 157 0.06 -4.88 9.75
C SER A 157 1.05 -4.51 10.83
N LEU A 158 2.11 -5.24 10.93
CA LEU A 158 3.26 -4.89 11.77
C LEU A 158 4.13 -3.75 11.24
N GLU A 159 3.81 -3.18 10.08
CA GLU A 159 4.39 -1.89 9.69
C GLU A 159 3.67 -0.75 10.30
N THR A 160 2.40 -0.95 10.65
CA THR A 160 1.64 0.12 11.27
C THR A 160 1.64 0.01 12.78
N PHE A 161 1.35 -1.19 13.32
CA PHE A 161 1.03 -1.34 14.73
C PHE A 161 2.35 -1.74 15.41
N THR A 162 2.80 -0.95 16.39
CA THR A 162 4.18 -1.10 16.99
C THR A 162 3.99 -1.19 18.47
N ASN A 163 5.02 -1.68 19.16
CA ASN A 163 5.05 -1.70 20.61
C ASN A 163 3.97 -2.70 21.08
N VAL A 164 2.71 -2.28 21.15
CA VAL A 164 1.61 -3.25 21.46
C VAL A 164 1.08 -3.85 20.09
N THR A 165 1.40 -5.10 19.88
CA THR A 165 1.14 -5.85 18.72
C THR A 165 0.46 -7.17 19.00
N GLU A 166 0.21 -7.55 20.25
CA GLU A 166 -0.56 -8.76 20.53
C GLU A 166 -1.89 -8.33 21.13
N PHE A 167 -2.92 -9.05 20.73
CA PHE A 167 -4.28 -8.74 21.21
C PHE A 167 -4.38 -9.14 22.67
N GLU A 168 -4.98 -8.24 23.44
CA GLU A 168 -5.21 -8.45 24.85
C GLU A 168 -6.66 -8.92 25.09
N TYR A 169 -6.82 -10.15 25.61
CA TYR A 169 -8.15 -10.81 25.74
C TYR A 169 -9.16 -9.98 26.49
N GLU A 170 -8.69 -9.43 27.60
CA GLU A 170 -9.60 -8.75 28.50
C GLU A 170 -10.01 -7.40 27.92
N ILE A 171 -9.23 -6.83 27.03
CA ILE A 171 -9.65 -5.58 26.40
C ILE A 171 -10.79 -5.86 25.45
N LEU A 172 -10.70 -6.93 24.69
CA LEU A 172 -11.77 -7.31 23.79
C LEU A 172 -12.97 -7.72 24.62
N ALA A 173 -12.75 -8.48 25.67
CA ALA A 173 -13.84 -8.92 26.49
C ALA A 173 -14.68 -7.79 27.09
N LYS A 174 -14.02 -6.74 27.53
CA LYS A 174 -14.69 -5.61 28.15
C LYS A 174 -15.66 -4.97 27.20
N ARG A 175 -15.19 -4.65 26.01
CA ARG A 175 -16.00 -4.04 24.98
C ARG A 175 -17.16 -4.91 24.49
N LEU A 176 -16.91 -6.19 24.29
CA LEU A 176 -17.95 -7.10 23.85
C LEU A 176 -19.07 -7.22 24.88
N ARG A 177 -18.72 -7.21 26.15
CA ARG A 177 -19.70 -7.24 27.23
C ARG A 177 -20.62 -6.03 27.13
N GLU A 178 -20.05 -4.84 26.98
CA GLU A 178 -20.88 -3.66 26.84
C GLU A 178 -21.84 -3.78 25.64
N LEU A 179 -21.31 -4.26 24.52
CA LEU A 179 -22.07 -4.44 23.32
C LEU A 179 -23.21 -5.44 23.49
N SER A 180 -23.01 -6.45 24.31
CA SER A 180 -24.05 -7.42 24.53
C SER A 180 -25.25 -6.75 25.16
N PHE A 181 -25.07 -5.91 26.16
CA PHE A 181 -26.22 -5.24 26.75
C PHE A 181 -26.93 -4.33 25.75
N LEU A 182 -26.17 -3.64 24.93
CA LEU A 182 -26.75 -2.75 23.99
C LEU A 182 -27.45 -3.50 22.87
N ASN A 183 -26.90 -4.62 22.44
CA ASN A 183 -27.55 -5.39 21.41
C ASN A 183 -28.13 -6.65 22.04
N SER A 184 -29.23 -6.46 22.74
CA SER A 184 -29.97 -7.46 23.47
C SER A 184 -30.22 -8.80 22.89
N GLY A 185 -30.60 -8.86 21.63
CA GLY A 185 -30.88 -10.17 21.07
C GLY A 185 -29.68 -10.92 20.53
N VAL A 186 -28.50 -10.32 20.59
CA VAL A 186 -27.33 -10.90 19.98
C VAL A 186 -26.38 -11.67 20.87
N SER A 187 -26.07 -12.89 20.50
CA SER A 187 -25.13 -13.68 21.25
C SER A 187 -23.72 -13.39 20.74
N ILE A 188 -22.79 -13.13 21.65
CA ILE A 188 -21.43 -12.87 21.26
C ILE A 188 -20.49 -13.84 21.95
N ARG A 189 -19.74 -14.59 21.18
CA ARG A 189 -18.78 -15.51 21.75
C ARG A 189 -17.38 -15.02 21.49
N LEU A 190 -16.52 -15.22 22.46
CA LEU A 190 -15.16 -14.82 22.34
C LEU A 190 -14.26 -16.03 22.66
N ARG A 191 -13.35 -16.33 21.75
CA ARG A 191 -12.43 -17.45 21.91
C ARG A 191 -10.96 -17.05 21.70
N ASP A 192 -10.10 -17.52 22.58
CA ASP A 192 -8.70 -17.26 22.48
C ASP A 192 -7.99 -18.59 22.21
N LYS A 193 -7.49 -18.76 21.00
CA LYS A 193 -6.84 -19.99 20.65
C LYS A 193 -5.42 -20.13 21.17
N ARG A 194 -4.93 -19.11 21.81
CA ARG A 194 -3.59 -19.12 22.34
C ARG A 194 -3.55 -19.89 23.62
N ASP A 195 -4.65 -19.85 24.35
CA ASP A 195 -4.70 -20.50 25.61
C ASP A 195 -6.03 -21.11 25.99
N GLY A 196 -6.94 -21.18 25.04
CA GLY A 196 -8.21 -21.78 25.29
C GLY A 196 -9.22 -21.00 26.09
N LYS A 197 -8.95 -19.76 26.48
CA LYS A 197 -9.93 -19.00 27.24
C LYS A 197 -11.18 -18.72 26.43
N GLU A 198 -12.34 -18.66 27.06
CA GLU A 198 -13.56 -18.42 26.34
C GLU A 198 -14.60 -17.68 27.16
N ASP A 199 -15.50 -16.97 26.48
CA ASP A 199 -16.58 -16.25 27.13
C ASP A 199 -17.80 -16.21 26.26
N HIS A 200 -18.95 -16.07 26.87
CA HIS A 200 -20.17 -16.01 26.14
C HIS A 200 -21.02 -14.88 26.70
N PHE A 201 -21.14 -13.80 25.95
CA PHE A 201 -21.92 -12.65 26.36
C PHE A 201 -23.26 -12.66 25.67
N HIS A 202 -24.32 -12.77 26.43
CA HIS A 202 -25.63 -12.80 25.88
C HIS A 202 -26.59 -12.16 26.89
N TYR A 203 -27.29 -11.09 26.50
CA TYR A 203 -28.08 -10.31 27.46
C TYR A 203 -29.36 -11.11 27.99
N LEU B 1 -3.41 5.47 -6.24
CA LEU B 1 -2.47 4.40 -6.53
C LEU B 1 -2.97 2.97 -6.45
N ASP B 2 -4.07 2.72 -5.74
CA ASP B 2 -4.63 1.35 -5.64
C ASP B 2 -4.89 0.64 -7.00
N ALA B 3 -5.27 1.34 -8.06
CA ALA B 3 -5.43 0.76 -9.38
C ALA B 3 -4.16 0.08 -9.89
N VAL B 4 -3.01 0.68 -9.65
CA VAL B 4 -1.77 0.11 -10.06
C VAL B 4 -1.41 -1.09 -9.21
N ARG B 5 -1.68 -0.97 -7.93
CA ARG B 5 -1.40 -2.02 -6.98
C ARG B 5 -2.21 -3.30 -7.27
N LYS B 6 -3.43 -3.11 -7.70
CA LYS B 6 -4.32 -4.19 -8.05
C LYS B 6 -3.83 -5.01 -9.26
N ARG B 7 -3.26 -4.37 -10.26
CA ARG B 7 -2.76 -5.02 -11.47
C ARG B 7 -1.46 -4.42 -12.00
N PRO B 8 -0.37 -4.74 -11.36
CA PRO B 8 0.95 -4.13 -11.61
C PRO B 8 1.45 -4.26 -13.05
N GLY B 9 1.29 -5.46 -13.58
CA GLY B 9 1.66 -5.77 -14.92
C GLY B 9 0.92 -4.99 -15.97
N MET B 10 -0.31 -4.53 -15.76
CA MET B 10 -0.94 -3.63 -16.81
C MET B 10 -0.15 -2.28 -16.94
N TYR B 11 0.55 -1.88 -15.87
CA TYR B 11 1.23 -0.56 -15.82
C TYR B 11 2.74 -0.64 -16.10
N ILE B 12 3.43 -1.67 -15.59
CA ILE B 12 4.88 -1.68 -15.66
C ILE B 12 5.40 -2.79 -16.63
N GLY B 13 4.52 -3.70 -17.02
CA GLY B 13 4.93 -4.83 -17.84
C GLY B 13 5.18 -6.05 -16.97
N ASP B 14 5.89 -6.98 -17.54
CA ASP B 14 6.07 -8.31 -16.96
C ASP B 14 6.90 -8.18 -15.70
N THR B 15 6.32 -8.57 -14.60
CA THR B 15 6.99 -8.47 -13.30
C THR B 15 7.76 -9.73 -12.86
N ASP B 16 7.94 -10.67 -13.78
CA ASP B 16 8.65 -11.92 -13.50
C ASP B 16 9.91 -12.18 -14.37
N ASP B 17 10.00 -11.55 -15.50
CA ASP B 17 11.10 -11.84 -16.44
C ASP B 17 12.18 -10.72 -16.44
N GLY B 18 12.14 -9.74 -15.54
CA GLY B 18 13.20 -8.67 -15.52
C GLY B 18 12.81 -7.41 -16.37
N THR B 19 11.82 -7.51 -17.25
CA THR B 19 11.56 -6.49 -18.23
C THR B 19 10.85 -5.28 -17.49
N GLY B 20 9.79 -5.59 -16.75
CA GLY B 20 9.18 -4.75 -15.75
C GLY B 20 10.12 -4.06 -14.76
N LEU B 21 11.02 -4.83 -14.18
CA LEU B 21 11.95 -4.29 -13.27
C LEU B 21 12.86 -3.20 -13.87
N HIS B 22 13.40 -3.50 -15.03
CA HIS B 22 14.21 -2.49 -15.70
C HIS B 22 13.33 -1.34 -16.26
N HIS B 23 12.10 -1.61 -16.68
CA HIS B 23 11.26 -0.48 -17.02
C HIS B 23 11.20 0.57 -15.89
N MET B 24 11.22 0.11 -14.65
CA MET B 24 11.21 1.02 -13.50
C MET B 24 12.33 2.09 -13.59
N VAL B 25 13.55 1.64 -13.87
CA VAL B 25 14.61 2.56 -14.06
C VAL B 25 14.40 3.46 -15.27
N PHE B 26 13.95 2.93 -16.37
CA PHE B 26 13.79 3.74 -17.54
C PHE B 26 12.73 4.82 -17.38
N GLU B 27 11.70 4.55 -16.62
CA GLU B 27 10.68 5.54 -16.43
C GLU B 27 11.27 6.70 -15.63
N VAL B 28 12.01 6.39 -14.59
CA VAL B 28 12.66 7.40 -13.77
C VAL B 28 13.65 8.21 -14.60
N VAL B 29 14.40 7.53 -15.43
CA VAL B 29 15.35 8.18 -16.27
C VAL B 29 14.68 9.13 -17.24
N ASP B 30 13.55 8.74 -17.80
CA ASP B 30 12.82 9.61 -18.71
C ASP B 30 12.48 10.95 -18.05
N ASN B 31 11.99 10.90 -16.84
CA ASN B 31 11.66 12.11 -16.11
C ASN B 31 12.91 12.95 -15.87
N ALA B 32 14.00 12.31 -15.50
CA ALA B 32 15.25 12.95 -15.22
C ALA B 32 15.76 13.67 -16.43
N ILE B 33 15.74 12.98 -17.55
CA ILE B 33 16.21 13.63 -18.78
C ILE B 33 15.38 14.83 -19.09
N ASP B 34 14.06 14.72 -19.00
CA ASP B 34 13.17 15.93 -19.23
C ASP B 34 13.55 17.10 -18.26
N GLU B 35 13.83 16.79 -16.95
CA GLU B 35 14.41 17.78 -15.98
C GLU B 35 15.74 18.39 -16.50
N ALA B 36 16.65 17.52 -16.97
CA ALA B 36 18.08 17.96 -17.30
C ALA B 36 18.06 18.87 -18.53
N LEU B 37 17.15 18.51 -19.43
CA LEU B 37 16.93 19.16 -20.75
C LEU B 37 16.51 20.56 -20.62
N ALA B 38 15.90 20.93 -19.50
CA ALA B 38 15.53 22.31 -19.21
C ALA B 38 16.59 23.04 -18.34
N GLY B 39 17.88 22.77 -18.56
CA GLY B 39 18.98 23.64 -18.01
C GLY B 39 20.13 23.72 -19.03
N HIS B 40 21.16 24.44 -18.69
CA HIS B 40 22.33 24.53 -19.61
C HIS B 40 23.33 23.39 -19.34
N CYS B 41 23.69 23.14 -18.10
CA CYS B 41 24.80 22.15 -17.86
C CYS B 41 24.40 20.66 -17.96
N LYS B 42 23.11 20.39 -18.14
CA LYS B 42 22.48 19.09 -18.12
C LYS B 42 23.25 17.78 -17.85
N GLU B 43 23.04 17.26 -16.65
CA GLU B 43 23.68 16.04 -16.26
C GLU B 43 22.71 15.14 -15.48
N ILE B 44 22.76 13.84 -15.75
CA ILE B 44 21.98 12.87 -14.94
C ILE B 44 22.98 11.78 -14.58
N ILE B 45 22.84 11.25 -13.36
CA ILE B 45 23.66 10.19 -12.80
C ILE B 45 22.74 9.08 -12.30
N VAL B 46 22.96 7.91 -12.84
CA VAL B 46 22.17 6.70 -12.57
C VAL B 46 23.17 5.79 -11.89
N THR B 47 22.81 5.47 -10.66
CA THR B 47 23.63 4.62 -9.73
C THR B 47 22.93 3.37 -9.30
N ILE B 48 23.60 2.26 -9.47
CA ILE B 48 23.07 1.00 -9.02
C ILE B 48 23.74 0.77 -7.68
N HIS B 49 22.95 0.78 -6.63
CA HIS B 49 23.53 0.59 -5.34
C HIS B 49 23.71 -0.88 -5.00
N ALA B 50 24.50 -1.14 -3.96
CA ALA B 50 24.80 -2.48 -3.50
C ALA B 50 23.66 -3.24 -2.91
N ASP B 51 22.63 -2.53 -2.47
CA ASP B 51 21.44 -3.11 -1.93
C ASP B 51 20.35 -3.26 -2.99
N ASN B 52 20.72 -3.26 -4.25
CA ASN B 52 19.82 -3.35 -5.38
C ASN B 52 18.71 -2.31 -5.48
N SER B 53 19.01 -1.12 -5.03
CA SER B 53 18.17 0.02 -5.25
C SER B 53 18.87 0.85 -6.38
N VAL B 54 18.15 1.73 -7.03
CA VAL B 54 18.77 2.56 -8.04
C VAL B 54 18.41 4.00 -7.75
N SER B 55 19.37 4.88 -7.92
CA SER B 55 19.14 6.29 -7.76
C SER B 55 19.38 7.01 -9.07
N VAL B 56 18.60 8.03 -9.33
CA VAL B 56 18.75 8.85 -10.51
C VAL B 56 18.73 10.31 -10.09
N GLN B 57 19.84 10.98 -10.32
CA GLN B 57 20.04 12.36 -9.99
C GLN B 57 20.05 13.25 -11.21
N ASP B 58 19.36 14.36 -11.13
CA ASP B 58 19.40 15.30 -12.20
C ASP B 58 19.75 16.64 -11.63
N ASP B 59 20.32 17.47 -12.48
CA ASP B 59 20.69 18.78 -12.08
C ASP B 59 19.76 19.81 -12.67
N GLY B 60 18.51 19.45 -12.80
CA GLY B 60 17.49 20.35 -13.25
C GLY B 60 17.03 21.39 -12.22
N ARG B 61 15.88 22.00 -12.48
CA ARG B 61 15.39 23.04 -11.62
C ARG B 61 14.80 22.58 -10.32
N GLY B 62 14.49 21.31 -10.23
CA GLY B 62 13.91 20.73 -9.08
C GLY B 62 12.43 20.68 -9.27
N ILE B 63 11.85 19.52 -9.09
CA ILE B 63 10.36 19.43 -9.09
C ILE B 63 9.72 20.52 -8.17
N PRO B 64 8.52 21.08 -8.50
CA PRO B 64 7.88 22.09 -7.65
C PRO B 64 7.53 21.46 -6.31
N THR B 65 7.69 22.22 -5.27
CA THR B 65 7.48 21.81 -3.87
C THR B 65 6.29 22.48 -3.18
N GLY B 66 5.80 23.58 -3.72
CA GLY B 66 4.67 24.32 -3.12
C GLY B 66 3.47 23.44 -2.93
N ILE B 67 2.68 23.76 -1.97
CA ILE B 67 1.42 23.02 -1.76
C ILE B 67 0.47 23.19 -2.96
N HIS B 68 -0.02 22.10 -3.51
CA HIS B 68 -1.05 22.09 -4.58
C HIS B 68 -2.42 22.50 -4.02
N PRO B 69 -3.04 23.53 -4.61
CA PRO B 69 -4.20 24.06 -3.80
C PRO B 69 -5.39 23.16 -3.72
N GLU B 70 -5.56 22.28 -4.69
CA GLU B 70 -6.63 21.33 -4.63
C GLU B 70 -6.36 20.15 -3.80
N GLU B 71 -5.18 19.55 -3.99
CA GLU B 71 -4.82 18.30 -3.33
C GLU B 71 -4.42 18.53 -1.89
N GLY B 72 -3.92 19.70 -1.60
CA GLY B 72 -3.55 19.98 -0.21
C GLY B 72 -2.26 19.31 0.28
N VAL B 73 -1.40 18.93 -0.70
CA VAL B 73 -0.04 18.41 -0.34
C VAL B 73 0.87 19.04 -1.36
N SER B 74 2.19 18.94 -1.12
CA SER B 74 3.21 19.39 -2.01
C SER B 74 2.93 18.97 -3.38
N ALA B 75 3.29 19.77 -4.35
CA ALA B 75 3.16 19.41 -5.79
C ALA B 75 4.01 18.12 -6.03
N ALA B 76 5.13 18.02 -5.34
CA ALA B 76 5.98 16.80 -5.53
C ALA B 76 5.24 15.54 -5.12
N GLU B 77 4.55 15.60 -4.00
CA GLU B 77 3.83 14.45 -3.55
C GLU B 77 2.74 14.11 -4.55
N VAL B 78 2.13 15.13 -5.14
CA VAL B 78 1.07 14.88 -6.08
C VAL B 78 1.64 14.14 -7.25
N ILE B 79 2.77 14.58 -7.72
CA ILE B 79 3.44 13.92 -8.82
C ILE B 79 3.80 12.45 -8.48
N MET B 80 4.19 12.18 -7.26
CA MET B 80 4.54 10.85 -6.86
C MET B 80 3.36 9.95 -6.51
N THR B 81 2.18 10.50 -6.31
CA THR B 81 1.04 9.71 -5.86
C THR B 81 -0.25 9.77 -6.67
N VAL B 82 -0.23 10.45 -7.79
CA VAL B 82 -1.40 10.58 -8.65
C VAL B 82 -1.08 10.10 -10.04
N LEU B 83 -2.00 9.27 -10.55
CA LEU B 83 -2.14 8.53 -11.84
C LEU B 83 -1.89 7.04 -11.70
N GLY B 102 5.01 7.08 -21.84
CA GLY B 102 5.42 6.86 -20.44
C GLY B 102 4.34 6.82 -19.37
N VAL B 103 4.65 6.12 -18.27
CA VAL B 103 3.60 5.61 -17.35
C VAL B 103 3.43 6.46 -16.06
N GLY B 104 4.32 7.42 -15.89
CA GLY B 104 4.43 8.27 -14.73
C GLY B 104 5.33 7.64 -13.64
N VAL B 105 6.09 8.50 -12.99
CA VAL B 105 6.82 8.12 -11.79
C VAL B 105 5.94 7.58 -10.69
N SER B 106 4.66 7.88 -10.62
CA SER B 106 3.86 7.37 -9.51
C SER B 106 3.72 5.88 -9.62
N VAL B 107 3.86 5.36 -10.83
CA VAL B 107 3.79 3.95 -10.97
C VAL B 107 5.02 3.33 -10.31
N VAL B 108 6.21 3.88 -10.56
CA VAL B 108 7.41 3.39 -9.93
C VAL B 108 7.34 3.42 -8.42
N ASN B 109 6.84 4.54 -7.91
CA ASN B 109 6.61 4.71 -6.48
C ASN B 109 5.67 3.61 -5.92
N ALA B 110 4.49 3.49 -6.47
CA ALA B 110 3.46 2.42 -6.11
C ALA B 110 4.12 1.04 -6.00
N LEU B 111 4.99 0.75 -6.96
CA LEU B 111 5.68 -0.53 -6.95
C LEU B 111 7.05 -0.62 -6.34
N SER B 112 7.41 0.33 -5.46
CA SER B 112 8.65 0.31 -4.75
C SER B 112 8.35 0.10 -3.29
N GLN B 113 9.15 -0.75 -2.66
CA GLN B 113 8.99 -0.97 -1.24
C GLN B 113 9.47 0.20 -0.43
N LYS B 114 10.41 0.93 -1.03
CA LYS B 114 10.76 2.19 -0.53
C LYS B 114 11.16 3.11 -1.68
N LEU B 115 10.97 4.40 -1.44
CA LEU B 115 11.45 5.44 -2.37
C LEU B 115 11.76 6.73 -1.64
N GLU B 116 12.93 7.26 -1.96
CA GLU B 116 13.46 8.44 -1.32
C GLU B 116 13.58 9.54 -2.37
N LEU B 117 12.99 10.69 -2.03
CA LEU B 117 12.90 11.84 -2.91
C LEU B 117 13.75 12.92 -2.24
N VAL B 118 14.62 13.55 -3.01
CA VAL B 118 15.39 14.70 -2.60
C VAL B 118 15.41 15.80 -3.71
N ILE B 119 14.93 16.98 -3.35
CA ILE B 119 14.70 18.05 -4.18
C ILE B 119 15.48 19.25 -3.66
N GLN B 120 16.35 19.75 -4.50
CA GLN B 120 17.05 21.01 -4.21
C GLN B 120 16.50 22.07 -5.08
N ARG B 121 15.95 23.08 -4.46
CA ARG B 121 15.28 24.16 -5.15
C ARG B 121 15.14 25.39 -4.26
N GLU B 122 15.29 26.57 -4.83
CA GLU B 122 15.20 27.83 -4.11
C GLU B 122 16.04 27.87 -2.86
N GLY B 123 17.28 27.42 -2.98
CA GLY B 123 18.18 27.32 -1.87
C GLY B 123 17.80 26.33 -0.81
N LYS B 124 16.74 25.55 -0.99
CA LYS B 124 16.39 24.61 0.01
C LYS B 124 16.52 23.13 -0.40
N ILE B 125 16.88 22.26 0.57
CA ILE B 125 16.85 20.82 0.41
C ILE B 125 15.53 20.32 0.95
N HIS B 126 14.80 19.64 0.11
CA HIS B 126 13.55 19.05 0.48
C HIS B 126 13.69 17.48 0.47
N ARG B 127 13.14 16.76 1.48
CA ARG B 127 13.25 15.34 1.55
C ARG B 127 11.94 14.67 1.91
N GLN B 128 11.67 13.58 1.23
CA GLN B 128 10.52 12.78 1.55
C GLN B 128 10.82 11.32 1.39
N ILE B 129 10.15 10.52 2.20
CA ILE B 129 10.30 9.07 2.00
C ILE B 129 8.94 8.44 1.83
N TYR B 130 8.86 7.43 0.94
CA TYR B 130 7.72 6.61 0.60
C TYR B 130 7.99 5.16 0.86
N GLU B 131 6.94 4.46 1.27
CA GLU B 131 6.94 3.00 1.24
C GLU B 131 5.73 2.46 0.61
N HIS B 132 5.93 1.72 -0.48
CA HIS B 132 4.86 1.15 -1.26
C HIS B 132 3.93 2.26 -1.75
N GLY B 133 4.50 3.41 -2.04
CA GLY B 133 3.75 4.55 -2.53
C GLY B 133 3.09 5.45 -1.50
N VAL B 134 3.20 5.07 -0.25
CA VAL B 134 2.65 5.78 0.86
C VAL B 134 3.71 6.67 1.50
N PRO B 135 3.49 7.98 1.50
CA PRO B 135 4.45 8.92 2.06
C PRO B 135 4.54 8.75 3.55
N GLN B 136 5.74 8.68 4.08
CA GLN B 136 5.92 8.53 5.50
C GLN B 136 5.69 9.80 6.30
N ALA B 137 5.79 10.95 5.65
CA ALA B 137 5.54 12.27 6.24
C ALA B 137 5.49 13.26 5.13
N PRO B 138 5.00 14.46 5.40
CA PRO B 138 4.93 15.48 4.31
C PRO B 138 6.30 15.91 3.89
N LEU B 139 6.43 16.36 2.66
CA LEU B 139 7.69 16.87 2.11
C LEU B 139 8.25 17.98 3.09
N ALA B 140 9.49 17.83 3.58
CA ALA B 140 10.09 18.66 4.65
C ALA B 140 11.30 19.39 4.10
N VAL B 141 11.44 20.68 4.44
CA VAL B 141 12.71 21.40 4.15
C VAL B 141 13.64 20.97 5.32
N THR B 142 14.77 20.39 4.96
CA THR B 142 15.70 19.84 5.94
C THR B 142 17.09 20.56 5.92
N GLY B 143 17.27 21.45 4.96
CA GLY B 143 18.53 22.22 4.87
C GLY B 143 18.63 23.18 3.79
N GLU B 144 19.89 23.55 3.57
CA GLU B 144 20.16 24.55 2.60
C GLU B 144 21.10 24.00 1.51
N THR B 145 21.07 24.67 0.37
CA THR B 145 21.89 24.32 -0.75
C THR B 145 21.98 25.41 -1.76
N GLU B 146 23.09 25.50 -2.48
CA GLU B 146 23.15 26.40 -3.70
C GLU B 146 23.01 25.67 -5.04
N LYS B 147 22.79 24.35 -5.02
CA LYS B 147 22.47 23.57 -6.22
C LYS B 147 21.00 23.43 -6.39
N THR B 148 20.62 22.94 -7.55
CA THR B 148 19.25 22.62 -7.86
C THR B 148 19.23 21.21 -8.45
N GLY B 149 18.10 20.56 -8.38
CA GLY B 149 17.94 19.22 -8.92
C GLY B 149 17.00 18.30 -8.17
N THR B 150 16.72 17.17 -8.78
CA THR B 150 15.83 16.18 -8.20
C THR B 150 16.53 14.85 -8.22
N MET B 151 16.42 14.12 -7.14
CA MET B 151 17.01 12.82 -7.04
C MET B 151 15.95 11.84 -6.52
N VAL B 152 15.81 10.73 -7.19
CA VAL B 152 14.91 9.69 -6.77
C VAL B 152 15.68 8.39 -6.65
N ARG B 153 15.55 7.73 -5.51
CA ARG B 153 16.20 6.45 -5.27
C ARG B 153 15.13 5.47 -4.88
N PHE B 154 15.08 4.33 -5.54
CA PHE B 154 14.03 3.39 -5.22
C PHE B 154 14.48 1.96 -5.05
N TRP B 155 13.75 1.26 -4.22
CA TRP B 155 13.97 -0.12 -3.92
C TRP B 155 12.71 -0.82 -4.44
N PRO B 156 12.83 -1.55 -5.53
CA PRO B 156 11.74 -2.28 -6.17
C PRO B 156 11.03 -3.21 -5.20
N SER B 157 9.71 -3.31 -5.27
CA SER B 157 9.05 -4.11 -4.26
C SER B 157 9.29 -5.60 -4.55
N LEU B 158 9.89 -6.34 -3.67
CA LEU B 158 9.97 -7.77 -3.86
C LEU B 158 8.62 -8.47 -3.66
N GLU B 159 7.54 -7.78 -3.29
CA GLU B 159 6.26 -8.42 -3.31
C GLU B 159 5.72 -8.43 -4.72
N THR B 160 6.21 -7.53 -5.58
CA THR B 160 5.77 -7.47 -6.93
C THR B 160 6.76 -8.13 -7.93
N PHE B 161 8.04 -7.80 -7.83
CA PHE B 161 8.99 -8.24 -8.84
C PHE B 161 9.58 -9.59 -8.33
N THR B 162 9.34 -10.60 -9.15
CA THR B 162 9.68 -12.03 -8.82
C THR B 162 10.69 -12.46 -9.80
N ASN B 163 11.49 -13.43 -9.38
CA ASN B 163 12.30 -14.25 -10.24
C ASN B 163 13.57 -13.49 -10.59
N VAL B 164 13.44 -12.46 -11.44
CA VAL B 164 14.58 -11.49 -11.72
C VAL B 164 14.35 -10.25 -10.89
N THR B 165 15.15 -10.06 -9.85
CA THR B 165 15.02 -9.00 -8.87
C THR B 165 16.29 -8.14 -8.72
N GLU B 166 17.29 -8.33 -9.56
CA GLU B 166 18.50 -7.57 -9.45
C GLU B 166 18.75 -6.88 -10.84
N PHE B 167 19.29 -5.69 -10.83
CA PHE B 167 19.42 -4.91 -12.05
C PHE B 167 20.61 -5.44 -12.88
N GLU B 168 20.48 -5.46 -14.21
CA GLU B 168 21.58 -5.90 -15.09
C GLU B 168 22.25 -4.69 -15.70
N TYR B 169 23.53 -4.47 -15.31
CA TYR B 169 24.29 -3.27 -15.68
C TYR B 169 24.13 -3.06 -17.13
N GLU B 170 24.38 -4.07 -17.93
CA GLU B 170 24.36 -4.01 -19.38
C GLU B 170 23.04 -3.58 -19.98
N ILE B 171 21.93 -4.00 -19.41
CA ILE B 171 20.64 -3.58 -19.90
C ILE B 171 20.55 -2.07 -19.78
N LEU B 172 20.90 -1.55 -18.63
CA LEU B 172 20.92 -0.14 -18.42
C LEU B 172 21.91 0.61 -19.32
N ALA B 173 23.12 0.09 -19.45
CA ALA B 173 24.12 0.76 -20.26
C ALA B 173 23.71 0.93 -21.69
N LYS B 174 23.20 -0.13 -22.28
CA LYS B 174 22.79 -0.12 -23.68
C LYS B 174 21.78 0.98 -23.92
N ARG B 175 20.77 1.01 -23.09
CA ARG B 175 19.71 1.97 -23.23
C ARG B 175 20.14 3.37 -22.98
N LEU B 176 21.00 3.57 -22.00
CA LEU B 176 21.46 4.90 -21.72
C LEU B 176 22.28 5.43 -22.88
N ARG B 177 23.10 4.58 -23.47
CA ARG B 177 23.88 4.94 -24.63
C ARG B 177 22.99 5.34 -25.80
N GLU B 178 21.93 4.58 -26.05
CA GLU B 178 21.00 4.92 -27.13
C GLU B 178 20.36 6.26 -26.85
N LEU B 179 19.98 6.48 -25.60
CA LEU B 179 19.35 7.70 -25.19
C LEU B 179 20.25 8.91 -25.36
N SER B 180 21.53 8.74 -25.11
CA SER B 180 22.44 9.84 -25.20
C SER B 180 22.43 10.45 -26.57
N PHE B 181 22.33 9.66 -27.61
CA PHE B 181 22.36 10.21 -29.01
C PHE B 181 21.04 10.95 -29.38
N LEU B 182 19.98 10.68 -28.67
CA LEU B 182 18.73 11.49 -28.85
C LEU B 182 18.63 12.77 -28.07
N ASN B 183 19.42 12.88 -27.00
CA ASN B 183 19.36 13.99 -26.10
C ASN B 183 20.66 14.75 -26.06
N SER B 184 20.79 15.69 -27.00
CA SER B 184 22.12 16.29 -27.23
C SER B 184 22.48 17.26 -26.15
N GLY B 185 23.74 17.21 -25.78
CA GLY B 185 24.23 17.98 -24.71
C GLY B 185 23.93 17.41 -23.34
N VAL B 186 23.26 16.28 -23.21
CA VAL B 186 23.00 15.78 -21.86
C VAL B 186 24.02 14.77 -21.46
N SER B 187 24.67 14.99 -20.33
CA SER B 187 25.66 14.09 -19.82
C SER B 187 24.96 13.02 -19.01
N ILE B 188 25.21 11.77 -19.31
CA ILE B 188 24.59 10.70 -18.58
C ILE B 188 25.65 9.77 -18.02
N ARG B 189 25.75 9.70 -16.71
CA ARG B 189 26.70 8.84 -16.05
C ARG B 189 26.03 7.64 -15.43
N LEU B 190 26.64 6.49 -15.55
CA LEU B 190 26.14 5.26 -14.97
C LEU B 190 27.21 4.69 -14.06
N ARG B 191 26.83 4.34 -12.85
CA ARG B 191 27.76 3.80 -11.89
C ARG B 191 27.18 2.58 -11.21
N ASP B 192 27.99 1.52 -11.11
CA ASP B 192 27.55 0.33 -10.44
C ASP B 192 28.34 0.18 -9.17
N LYS B 193 27.73 0.49 -8.03
CA LYS B 193 28.42 0.32 -6.73
C LYS B 193 28.69 -1.18 -6.36
N ARG B 194 28.11 -2.17 -7.06
CA ARG B 194 28.32 -3.55 -6.71
C ARG B 194 29.70 -4.00 -7.15
N ASP B 195 30.23 -3.45 -8.22
CA ASP B 195 31.59 -3.82 -8.66
C ASP B 195 32.49 -2.63 -9.00
N GLY B 196 31.98 -1.41 -8.93
CA GLY B 196 32.78 -0.22 -9.33
C GLY B 196 32.78 0.13 -10.83
N LYS B 197 32.13 -0.69 -11.68
CA LYS B 197 32.00 -0.33 -13.09
C LYS B 197 31.27 1.03 -13.30
N GLU B 198 31.69 1.75 -14.35
CA GLU B 198 31.18 3.11 -14.66
C GLU B 198 31.24 3.39 -16.15
N ASP B 199 30.35 4.30 -16.60
CA ASP B 199 30.30 4.68 -17.97
C ASP B 199 29.84 6.10 -17.99
N HIS B 200 30.20 6.79 -19.06
CA HIS B 200 29.81 8.14 -19.26
C HIS B 200 29.38 8.30 -20.72
N PHE B 201 28.11 8.61 -20.92
CA PHE B 201 27.55 8.81 -22.23
C PHE B 201 27.19 10.28 -22.35
N HIS B 202 27.84 11.00 -23.25
CA HIS B 202 27.61 12.41 -23.43
C HIS B 202 27.79 12.72 -24.90
N TYR B 203 26.70 12.88 -25.63
CA TYR B 203 26.77 13.14 -27.06
C TYR B 203 26.70 14.62 -27.44
N GLU B 204 27.59 15.00 -28.36
CA GLU B 204 27.82 16.30 -29.03
C GLU B 204 26.70 17.18 -29.43
N GLY B 205 25.88 16.73 -30.34
CA GLY B 205 24.72 17.50 -30.76
C GLY B 205 24.77 18.00 -32.15
NAF AX7 C . 3.04 -2.59 2.77
CAI AX7 C . 2.11 -2.14 1.84
CAD AX7 C . 1.35 -0.97 1.85
CAB AX7 C . 0.56 -0.68 0.75
CAC AX7 C . 0.51 -1.56 -0.32
CAE AX7 C . 1.25 -2.73 -0.33
CAJ AX7 C . 2.07 -2.98 0.76
NAG AX7 C . 3.01 -3.97 1.00
CAH AX7 C . 3.54 -3.70 2.23
NAA AX7 C . 4.44 -4.48 2.82
O OHB D . -18.55 -10.62 10.03
C OHB D . -17.75 -9.62 9.53
N OHB D . -16.47 -9.60 9.76
C1 OHB D . -18.29 -8.52 8.63
C6 OHB D . -17.40 -7.56 8.10
O1 OHB D . -16.11 -7.49 8.51
C5 OHB D . -17.85 -6.62 7.15
C4 OHB D . -19.19 -6.57 6.81
C3 OHB D . -20.08 -7.46 7.39
C2 OHB D . -19.64 -8.44 8.26
P PO4 E . 2.85 6.57 8.42
O1 PO4 E . 2.72 7.99 8.91
O2 PO4 E . 2.15 5.63 9.41
O3 PO4 E . 4.36 6.31 8.17
O4 PO4 E . 2.19 6.50 7.02
P PO4 F . -5.96 -21.43 12.64
O1 PO4 F . -6.36 -20.92 14.05
O2 PO4 F . -7.05 -21.50 11.60
O3 PO4 F . -4.83 -20.54 12.17
O4 PO4 F . -5.43 -22.83 12.72
O OHB G . 15.43 12.71 -11.21
C OHB G . 14.41 12.07 -11.11
N OHB G . 14.40 10.85 -10.70
C1 OHB G . 13.10 12.69 -11.47
C6 OHB G . 11.91 11.98 -11.25
O1 OHB G . 11.91 10.70 -10.83
C5 OHB G . 10.69 12.58 -11.49
C4 OHB G . 10.63 13.87 -11.98
C3 OHB G . 11.79 14.56 -12.23
C2 OHB G . 13.02 13.99 -11.97
P PO4 H . 24.67 3.65 -0.29
O1 PO4 H . 25.78 3.71 0.71
O2 PO4 H . 23.91 4.95 -0.15
O3 PO4 H . 25.23 3.49 -1.74
O4 PO4 H . 23.67 2.61 0.06
#